data_6MHC
#
_entry.id   6MHC
#
_cell.length_a   59.735
_cell.length_b   70.780
_cell.length_c   60.553
_cell.angle_alpha   90.00
_cell.angle_beta   114.08
_cell.angle_gamma   90.00
#
_symmetry.space_group_name_H-M   'P 1 21 1'
#
loop_
_entity.id
_entity.type
_entity.pdbx_description
1 polymer 'Glutathione S-transferase omega-1'
2 non-polymer 'methyl N-(4-phenyl-1,3-thiazol-2-yl)-N-propanoylglycinate'
3 non-polymer 'DIMETHYL SULFOXIDE'
4 non-polymer DI(HYDROXYETHYL)ETHER
5 non-polymer '2-(N-MORPHOLINO)-ETHANESULFONIC ACID'
6 water water
#
_entity_poly.entity_id   1
_entity_poly.type   'polypeptide(L)'
_entity_poly.pdbx_seq_one_letter_code
;SNAMSGESARSLGKGSAPPGPVPEGSIRIYSMRFCPFAERTRLVLKAKGIRHEVININLKNKPEWFFKKNPFGLVPVLEN
SQGQLIYESAITCEYLDEAYPGKKLLPDDPYEKACQKMILELFSKVPSLVGSFIRSQNKEDYAGLKEEFRKEFTKLEEVL
TNKKTTFFGGNSISMIDYLIWPWFERLEAMKLNECVDHTPKLKLWMAAMKEDPTVSALLTSEKDWQGFLELYLQNSPEAC
DYGL
;
_entity_poly.pdbx_strand_id   A,B
#
# COMPACT_ATOMS: atom_id res chain seq x y z
N SER A 1 -10.99 32.24 -14.92
CA SER A 1 -10.84 31.55 -13.61
C SER A 1 -9.41 31.69 -13.08
N ASN A 2 -9.23 31.72 -11.76
CA ASN A 2 -7.89 31.89 -11.16
C ASN A 2 -7.15 30.57 -11.18
N ALA A 3 -5.99 30.53 -11.84
CA ALA A 3 -5.19 29.32 -11.92
C ALA A 3 -4.56 29.02 -10.56
N MET A 4 -4.81 27.81 -10.08
CA MET A 4 -4.29 27.24 -8.84
C MET A 4 -3.11 26.38 -9.21
N SER A 5 -2.59 25.64 -8.23
CA SER A 5 -1.57 24.60 -8.35
C SER A 5 -0.60 24.90 -9.48
N GLY A 6 -0.54 23.99 -10.42
CA GLY A 6 0.30 24.09 -11.60
C GLY A 6 -0.58 23.88 -12.81
N GLU A 7 -1.77 24.46 -12.78
CA GLU A 7 -2.76 24.35 -13.87
C GLU A 7 -2.32 25.01 -15.18
N SER A 8 -1.45 26.02 -15.11
CA SER A 8 -0.93 26.71 -16.29
C SER A 8 0.53 26.29 -16.63
N ALA A 9 1.18 25.44 -15.80
CA ALA A 9 2.59 25.08 -16.07
C ALA A 9 2.77 24.01 -17.15
N ARG A 10 3.51 24.35 -18.25
CA ARG A 10 3.79 23.39 -19.32
C ARG A 10 4.70 22.33 -18.79
N SER A 11 4.44 21.07 -19.18
CA SER A 11 5.19 19.93 -18.67
C SER A 11 6.60 19.82 -19.20
N LEU A 12 7.49 19.22 -18.40
CA LEU A 12 8.88 18.98 -18.77
C LEU A 12 9.02 17.59 -19.36
N GLY A 13 9.58 17.54 -20.58
CA GLY A 13 9.77 16.31 -21.33
C GLY A 13 11.20 15.96 -21.59
N LYS A 14 11.45 15.01 -22.52
CA LYS A 14 12.81 14.59 -22.89
C LYS A 14 13.60 15.80 -23.38
N GLY A 15 14.82 15.95 -22.88
CA GLY A 15 15.69 17.06 -23.24
C GLY A 15 15.52 18.29 -22.38
N SER A 16 14.61 18.25 -21.38
CA SER A 16 14.45 19.37 -20.47
C SER A 16 15.63 19.30 -19.49
N ALA A 17 16.05 20.42 -18.96
CA ALA A 17 17.14 20.35 -17.98
C ALA A 17 16.56 19.98 -16.60
N PRO A 18 17.33 19.25 -15.75
CA PRO A 18 16.87 18.99 -14.38
C PRO A 18 16.57 20.32 -13.66
N PRO A 19 15.43 20.52 -12.96
CA PRO A 19 15.20 21.83 -12.33
C PRO A 19 16.21 22.11 -11.21
N GLY A 20 16.33 23.38 -10.85
CA GLY A 20 17.24 23.83 -9.80
C GLY A 20 16.77 23.45 -8.40
N PRO A 21 17.60 23.69 -7.35
CA PRO A 21 17.18 23.32 -5.98
C PRO A 21 15.91 24.06 -5.56
N VAL A 22 15.16 23.42 -4.66
CA VAL A 22 13.89 23.95 -4.17
C VAL A 22 14.18 25.11 -3.19
N PRO A 23 13.49 26.26 -3.32
CA PRO A 23 13.73 27.37 -2.37
C PRO A 23 13.40 26.98 -0.92
N GLU A 24 14.17 27.54 0.05
CA GLU A 24 13.97 27.33 1.48
C GLU A 24 12.58 27.89 1.87
N GLY A 25 11.84 27.11 2.65
CA GLY A 25 10.49 27.45 3.08
C GLY A 25 9.38 26.96 2.15
N SER A 26 9.76 26.36 1.00
CA SER A 26 8.82 25.84 0.00
C SER A 26 9.02 24.32 -0.14
N ILE A 27 8.06 23.61 -0.75
CA ILE A 27 8.19 22.19 -1.06
C ILE A 27 7.75 22.05 -2.52
N ARG A 28 8.46 21.27 -3.30
CA ARG A 28 8.09 21.10 -4.71
C ARG A 28 7.30 19.78 -4.87
N ILE A 29 6.28 19.79 -5.74
CA ILE A 29 5.58 18.57 -6.14
C ILE A 29 5.80 18.37 -7.64
N TYR A 30 6.29 17.17 -8.04
CA TYR A 30 6.38 16.74 -9.43
C TYR A 30 5.03 16.07 -9.67
N SER A 31 4.27 16.61 -10.61
CA SER A 31 2.87 16.21 -10.80
C SER A 31 2.52 16.14 -12.30
N MET A 32 1.23 16.02 -12.60
CA MET A 32 0.66 16.03 -13.96
C MET A 32 -0.75 16.55 -13.72
N ARG A 33 -1.17 17.53 -14.53
CA ARG A 33 -2.45 18.22 -14.32
C ARG A 33 -3.66 17.32 -14.22
N PHE A 34 -3.64 16.19 -14.91
CA PHE A 34 -4.79 15.29 -14.96
C PHE A 34 -4.61 13.94 -14.26
N CYS A 35 -3.49 13.75 -13.55
CA CYS A 35 -3.23 12.53 -12.80
C CYS A 35 -4.00 12.51 -11.50
N PRO A 36 -4.90 11.49 -11.27
CA PRO A 36 -5.64 11.43 -10.00
C PRO A 36 -4.76 11.14 -8.79
N PHE A 37 -3.68 10.37 -8.98
CA PHE A 37 -2.77 10.04 -7.87
C PHE A 37 -2.04 11.31 -7.38
N ALA A 38 -1.53 12.16 -8.32
CA ALA A 38 -0.88 13.42 -7.98
C ALA A 38 -1.88 14.44 -7.40
N GLU A 39 -3.18 14.32 -7.79
CA GLU A 39 -4.21 15.23 -7.27
C GLU A 39 -4.43 15.06 -5.79
N ARG A 40 -4.29 13.84 -5.27
CA ARG A 40 -4.38 13.55 -3.84
C ARG A 40 -3.39 14.50 -3.11
N THR A 41 -2.11 14.50 -3.56
CA THR A 41 -1.07 15.34 -2.97
C THR A 41 -1.35 16.87 -3.10
N ARG A 42 -1.89 17.32 -4.23
CA ARG A 42 -2.21 18.73 -4.44
C ARG A 42 -3.36 19.13 -3.54
N LEU A 43 -4.32 18.23 -3.32
CA LEU A 43 -5.46 18.49 -2.41
C LEU A 43 -4.95 18.69 -0.98
N VAL A 44 -4.01 17.85 -0.54
CA VAL A 44 -3.45 17.94 0.82
C VAL A 44 -2.64 19.24 1.01
N LEU A 45 -1.81 19.57 0.02
CA LEU A 45 -1.03 20.81 0.03
C LEU A 45 -1.95 22.03 0.18
N LYS A 46 -3.07 22.06 -0.59
CA LYS A 46 -4.03 23.17 -0.52
C LYS A 46 -4.75 23.21 0.82
N ALA A 47 -5.28 22.05 1.27
CA ALA A 47 -6.01 21.91 2.52
C ALA A 47 -5.19 22.35 3.74
N LYS A 48 -3.92 22.03 3.76
CA LYS A 48 -3.04 22.40 4.87
C LYS A 48 -2.37 23.78 4.72
N GLY A 49 -2.59 24.45 3.58
CA GLY A 49 -2.05 25.79 3.31
C GLY A 49 -0.54 25.81 3.27
N ILE A 50 0.05 24.78 2.65
CA ILE A 50 1.50 24.62 2.52
C ILE A 50 1.97 25.41 1.30
N ARG A 51 3.03 26.22 1.46
CA ARG A 51 3.62 26.96 0.34
C ARG A 51 4.31 25.90 -0.54
N HIS A 52 3.93 25.82 -1.81
CA HIS A 52 4.49 24.82 -2.72
C HIS A 52 4.59 25.33 -4.15
N GLU A 53 5.41 24.65 -4.94
CA GLU A 53 5.52 24.92 -6.38
C GLU A 53 5.27 23.61 -7.09
N VAL A 54 4.71 23.68 -8.31
CA VAL A 54 4.38 22.50 -9.12
C VAL A 54 5.28 22.47 -10.35
N ILE A 55 5.85 21.29 -10.66
CA ILE A 55 6.56 21.03 -11.89
C ILE A 55 5.72 19.87 -12.51
N ASN A 56 5.20 20.04 -13.75
CA ASN A 56 4.46 18.98 -14.41
C ASN A 56 5.41 18.17 -15.28
N ILE A 57 5.25 16.84 -15.23
CA ILE A 57 6.06 15.89 -16.01
C ILE A 57 5.24 15.38 -17.19
N ASN A 58 5.84 15.42 -18.38
CA ASN A 58 5.18 14.85 -19.55
C ASN A 58 5.33 13.34 -19.40
N LEU A 59 4.27 12.69 -18.92
CA LEU A 59 4.28 11.24 -18.70
C LEU A 59 4.37 10.41 -19.97
N LYS A 60 4.21 11.03 -21.15
CA LYS A 60 4.35 10.33 -22.43
C LYS A 60 5.64 10.72 -23.17
N ASN A 61 6.58 11.37 -22.46
CA ASN A 61 7.87 11.81 -22.97
C ASN A 61 8.71 12.18 -21.75
N LYS A 62 8.86 11.22 -20.82
CA LYS A 62 9.54 11.45 -19.54
C LYS A 62 11.00 11.82 -19.63
N PRO A 63 11.43 12.86 -18.89
CA PRO A 63 12.87 13.19 -18.88
C PRO A 63 13.62 12.15 -18.09
N GLU A 64 14.82 11.73 -18.58
CA GLU A 64 15.63 10.74 -17.86
C GLU A 64 15.93 11.16 -16.42
N TRP A 65 16.08 12.48 -16.16
CA TRP A 65 16.38 12.97 -14.81
C TRP A 65 15.22 12.68 -13.85
N PHE A 66 13.99 12.50 -14.38
CA PHE A 66 12.85 12.22 -13.51
C PHE A 66 13.00 10.90 -12.76
N PHE A 67 13.64 9.90 -13.40
CA PHE A 67 13.92 8.61 -12.78
C PHE A 67 14.91 8.71 -11.60
N LYS A 68 15.59 9.86 -11.44
CA LYS A 68 16.48 10.14 -10.32
C LYS A 68 15.63 10.66 -9.16
N LYS A 69 14.46 11.27 -9.47
CA LYS A 69 13.50 11.77 -8.47
C LYS A 69 12.73 10.58 -7.89
N ASN A 70 12.32 9.66 -8.77
CA ASN A 70 11.59 8.45 -8.37
C ASN A 70 12.02 7.31 -9.30
N PRO A 71 12.70 6.26 -8.79
CA PRO A 71 13.13 5.16 -9.69
C PRO A 71 11.99 4.48 -10.44
N PHE A 72 10.74 4.57 -9.94
CA PHE A 72 9.54 4.06 -10.61
C PHE A 72 9.11 4.95 -11.79
N GLY A 73 9.59 6.20 -11.77
CA GLY A 73 9.29 7.21 -12.79
C GLY A 73 7.84 7.63 -12.83
N LEU A 74 7.19 7.71 -11.65
CA LEU A 74 5.77 8.09 -11.52
C LEU A 74 5.58 9.34 -10.70
N VAL A 75 4.54 10.11 -11.03
CA VAL A 75 4.11 11.26 -10.21
C VAL A 75 2.99 10.75 -9.22
N PRO A 76 2.81 11.34 -8.02
CA PRO A 76 3.52 12.52 -7.50
C PRO A 76 4.85 12.15 -6.85
N VAL A 77 5.73 13.17 -6.77
CA VAL A 77 7.02 13.07 -6.05
C VAL A 77 7.14 14.41 -5.31
N LEU A 78 7.49 14.42 -4.03
CA LEU A 78 7.75 15.68 -3.31
C LEU A 78 9.24 15.85 -3.19
N GLU A 79 9.73 17.09 -3.24
CA GLU A 79 11.15 17.39 -3.07
C GLU A 79 11.24 18.65 -2.22
N ASN A 80 12.02 18.61 -1.15
CA ASN A 80 12.11 19.78 -0.28
C ASN A 80 13.46 20.48 -0.44
N SER A 81 13.70 21.57 0.30
CA SER A 81 14.95 22.33 0.21
C SER A 81 16.20 21.55 0.62
N GLN A 82 16.05 20.55 1.52
CA GLN A 82 17.14 19.66 1.98
C GLN A 82 17.46 18.56 0.93
N GLY A 83 16.72 18.56 -0.19
CA GLY A 83 16.88 17.59 -1.26
C GLY A 83 16.24 16.23 -1.01
N GLN A 84 15.44 16.12 0.07
CA GLN A 84 14.73 14.87 0.44
C GLN A 84 13.64 14.62 -0.60
N LEU A 85 13.52 13.36 -1.07
CA LEU A 85 12.54 12.96 -2.09
C LEU A 85 11.50 11.99 -1.50
N ILE A 86 10.18 12.22 -1.73
CA ILE A 86 9.13 11.33 -1.20
C ILE A 86 8.22 10.98 -2.36
N TYR A 87 8.05 9.69 -2.65
CA TYR A 87 7.14 9.28 -3.73
C TYR A 87 6.13 8.26 -3.15
N GLU A 88 5.14 7.84 -3.97
CA GLU A 88 3.96 7.02 -3.64
C GLU A 88 2.92 8.02 -3.12
N SER A 89 1.80 8.22 -3.84
CA SER A 89 0.81 9.21 -3.44
C SER A 89 0.39 9.13 -1.96
N ALA A 90 0.04 7.93 -1.44
CA ALA A 90 -0.40 7.79 -0.04
C ALA A 90 0.72 8.18 0.95
N ILE A 91 1.96 7.79 0.65
CA ILE A 91 3.10 8.15 1.51
C ILE A 91 3.30 9.70 1.46
N THR A 92 3.14 10.34 0.27
CA THR A 92 3.33 11.81 0.13
C THR A 92 2.31 12.54 0.97
N CYS A 93 1.05 12.04 0.98
CA CYS A 93 -0.01 12.68 1.75
C CYS A 93 0.19 12.56 3.23
N GLU A 94 0.60 11.35 3.71
CA GLU A 94 0.81 11.12 5.15
C GLU A 94 2.02 11.93 5.65
N TYR A 95 3.07 12.07 4.84
CA TYR A 95 4.27 12.84 5.15
C TYR A 95 3.92 14.31 5.38
N LEU A 96 3.16 14.91 4.45
CA LEU A 96 2.73 16.30 4.55
C LEU A 96 1.88 16.55 5.81
N ASP A 97 0.96 15.62 6.14
CA ASP A 97 0.07 15.77 7.31
C ASP A 97 0.87 15.77 8.61
N GLU A 98 1.95 15.00 8.63
CA GLU A 98 2.87 14.86 9.76
C GLU A 98 3.90 15.99 9.87
N ALA A 99 4.48 16.43 8.74
CA ALA A 99 5.60 17.39 8.72
C ALA A 99 5.23 18.86 8.77
N TYR A 100 3.95 19.19 8.57
CA TYR A 100 3.50 20.57 8.49
C TYR A 100 2.36 20.87 9.46
N PRO A 101 2.25 22.14 9.96
CA PRO A 101 1.11 22.49 10.82
C PRO A 101 -0.14 22.72 9.96
N GLY A 102 -1.22 23.23 10.56
CA GLY A 102 -2.49 23.51 9.87
C GLY A 102 -3.54 22.45 10.16
N LYS A 103 -4.63 22.39 9.33
CA LYS A 103 -5.68 21.38 9.59
C LYS A 103 -5.10 19.96 9.61
N LYS A 104 -5.41 19.20 10.65
CA LYS A 104 -4.96 17.82 10.81
C LYS A 104 -5.92 16.92 10.02
N LEU A 105 -5.42 16.28 8.96
CA LEU A 105 -6.27 15.50 8.06
C LEU A 105 -6.44 14.04 8.47
N LEU A 106 -5.40 13.41 9.02
CA LEU A 106 -5.52 12.03 9.48
C LEU A 106 -5.71 12.01 10.98
N PRO A 107 -6.54 11.10 11.51
CA PRO A 107 -6.67 11.00 12.97
C PRO A 107 -5.39 10.48 13.62
N ASP A 108 -5.15 10.87 14.87
CA ASP A 108 -4.00 10.36 15.61
C ASP A 108 -4.33 8.99 16.21
N ASP A 109 -5.59 8.76 16.63
CA ASP A 109 -6.00 7.49 17.23
C ASP A 109 -5.57 6.30 16.35
N PRO A 110 -4.70 5.39 16.87
CA PRO A 110 -4.18 4.29 16.02
C PRO A 110 -5.24 3.51 15.25
N TYR A 111 -6.33 3.12 15.93
CA TYR A 111 -7.42 2.38 15.27
C TYR A 111 -8.14 3.22 14.20
N GLU A 112 -8.43 4.49 14.52
CA GLU A 112 -9.13 5.34 13.55
C GLU A 112 -8.27 5.56 12.28
N LYS A 113 -6.95 5.74 12.45
CA LYS A 113 -6.00 5.90 11.34
C LYS A 113 -6.00 4.57 10.53
N ALA A 114 -6.01 3.41 11.24
CA ALA A 114 -6.07 2.09 10.59
C ALA A 114 -7.35 1.94 9.76
N CYS A 115 -8.49 2.46 10.25
CA CYS A 115 -9.77 2.43 9.53
C CYS A 115 -9.69 3.18 8.21
N GLN A 116 -9.07 4.35 8.20
CA GLN A 116 -8.92 5.16 6.98
C GLN A 116 -8.07 4.41 5.96
N LYS A 117 -7.04 3.69 6.42
CA LYS A 117 -6.18 2.92 5.53
C LYS A 117 -6.86 1.65 5.06
N MET A 118 -7.76 1.03 5.86
CA MET A 118 -8.54 -0.14 5.43
C MET A 118 -9.59 0.29 4.39
N ILE A 119 -10.21 1.47 4.57
CA ILE A 119 -11.17 2.02 3.59
C ILE A 119 -10.45 2.26 2.25
N LEU A 120 -9.18 2.73 2.32
CA LEU A 120 -8.38 2.94 1.13
C LEU A 120 -8.21 1.62 0.34
N GLU A 121 -8.00 0.49 1.05
CA GLU A 121 -7.88 -0.83 0.41
C GLU A 121 -9.24 -1.31 -0.12
N LEU A 122 -10.37 -0.94 0.54
CA LEU A 122 -11.72 -1.25 0.04
C LEU A 122 -11.96 -0.52 -1.30
N PHE A 123 -11.32 0.67 -1.49
CA PHE A 123 -11.39 1.46 -2.73
C PHE A 123 -10.43 0.97 -3.85
N SER A 124 -9.31 0.28 -3.50
CA SER A 124 -8.19 -0.12 -4.37
C SER A 124 -8.55 -0.64 -5.77
N LYS A 125 -9.71 -1.28 -5.96
CA LYS A 125 -10.04 -1.82 -7.29
C LYS A 125 -10.51 -0.75 -8.28
N VAL A 126 -11.00 0.40 -7.78
CA VAL A 126 -11.57 1.47 -8.61
C VAL A 126 -10.56 2.00 -9.64
N PRO A 127 -9.30 2.39 -9.29
CA PRO A 127 -8.40 2.93 -10.32
C PRO A 127 -8.18 2.02 -11.55
N SER A 128 -7.98 0.70 -11.36
CA SER A 128 -7.79 -0.19 -12.53
C SER A 128 -9.11 -0.36 -13.31
N LEU A 129 -10.26 -0.36 -12.60
CA LEU A 129 -11.57 -0.42 -13.26
C LEU A 129 -11.79 0.81 -14.16
N VAL A 130 -11.39 2.00 -13.67
CA VAL A 130 -11.44 3.28 -14.43
C VAL A 130 -10.56 3.10 -15.69
N GLY A 131 -9.39 2.50 -15.51
CA GLY A 131 -8.44 2.19 -16.58
C GLY A 131 -9.00 1.29 -17.66
N SER A 132 -9.62 0.15 -17.25
CA SER A 132 -10.24 -0.80 -18.19
C SER A 132 -11.38 -0.14 -18.95
N PHE A 133 -12.16 0.72 -18.25
CA PHE A 133 -13.30 1.41 -18.85
C PHE A 133 -12.91 2.38 -19.97
N ILE A 134 -11.83 3.15 -19.76
CA ILE A 134 -11.40 4.16 -20.72
C ILE A 134 -10.81 3.52 -21.99
N ARG A 135 -10.23 2.31 -21.86
CA ARG A 135 -9.63 1.56 -22.96
C ARG A 135 -10.62 0.58 -23.60
N SER A 136 -11.89 0.57 -23.15
CA SER A 136 -12.93 -0.33 -23.64
C SER A 136 -13.16 -0.16 -25.15
N GLN A 137 -12.99 -1.27 -25.91
CA GLN A 137 -13.09 -1.28 -27.36
C GLN A 137 -14.47 -1.69 -27.90
N ASN A 138 -15.42 -2.12 -27.04
CA ASN A 138 -16.77 -2.49 -27.48
C ASN A 138 -17.85 -2.33 -26.38
N LYS A 139 -19.12 -2.31 -26.82
CA LYS A 139 -20.34 -2.17 -25.99
C LYS A 139 -20.51 -3.25 -24.93
N GLU A 140 -20.07 -4.49 -25.21
CA GLU A 140 -20.16 -5.63 -24.29
C GLU A 140 -19.28 -5.45 -23.05
N ASP A 141 -18.00 -5.10 -23.25
CA ASP A 141 -17.02 -4.83 -22.19
C ASP A 141 -17.43 -3.59 -21.40
N TYR A 142 -17.85 -2.54 -22.15
CA TYR A 142 -18.29 -1.25 -21.65
C TYR A 142 -19.42 -1.42 -20.62
N ALA A 143 -20.52 -2.12 -21.01
CA ALA A 143 -21.69 -2.38 -20.14
C ALA A 143 -21.37 -3.17 -18.88
N GLY A 144 -20.53 -4.19 -19.00
CA GLY A 144 -20.13 -5.04 -17.88
C GLY A 144 -19.32 -4.30 -16.84
N LEU A 145 -18.47 -3.34 -17.29
CA LEU A 145 -17.65 -2.53 -16.40
C LEU A 145 -18.52 -1.60 -15.54
N LYS A 146 -19.65 -1.10 -16.07
CA LYS A 146 -20.57 -0.25 -15.32
C LYS A 146 -21.14 -1.01 -14.15
N GLU A 147 -21.45 -2.31 -14.34
CA GLU A 147 -21.98 -3.17 -13.30
C GLU A 147 -20.90 -3.41 -12.24
N GLU A 148 -19.60 -3.50 -12.66
CA GLU A 148 -18.46 -3.66 -11.75
C GLU A 148 -18.33 -2.41 -10.89
N PHE A 149 -18.44 -1.21 -11.51
CA PHE A 149 -18.40 0.04 -10.77
C PHE A 149 -19.43 0.06 -9.66
N ARG A 150 -20.71 -0.32 -9.96
CA ARG A 150 -21.83 -0.41 -9.00
C ARG A 150 -21.47 -1.35 -7.84
N LYS A 151 -20.88 -2.52 -8.15
CA LYS A 151 -20.45 -3.50 -7.15
C LYS A 151 -19.38 -2.95 -6.20
N GLU A 152 -18.39 -2.23 -6.73
CA GLU A 152 -17.31 -1.64 -5.91
C GLU A 152 -17.84 -0.45 -5.13
N PHE A 153 -18.70 0.36 -5.76
CA PHE A 153 -19.33 1.54 -5.12
C PHE A 153 -20.23 1.13 -3.97
N THR A 154 -20.91 -0.05 -4.07
CA THR A 154 -21.72 -0.61 -2.97
C THR A 154 -20.88 -0.90 -1.71
N LYS A 155 -19.61 -1.30 -1.86
CA LYS A 155 -18.75 -1.58 -0.71
C LYS A 155 -18.49 -0.30 0.05
N LEU A 156 -18.31 0.84 -0.66
CA LEU A 156 -18.13 2.16 -0.07
C LEU A 156 -19.43 2.64 0.55
N GLU A 157 -20.57 2.44 -0.16
CA GLU A 157 -21.89 2.76 0.37
C GLU A 157 -22.06 2.06 1.75
N GLU A 158 -21.66 0.78 1.86
CA GLU A 158 -21.75 0.02 3.11
C GLU A 158 -21.00 0.69 4.27
N VAL A 159 -19.77 1.22 4.02
CA VAL A 159 -18.95 1.93 5.01
C VAL A 159 -19.74 3.17 5.51
N LEU A 160 -20.29 3.98 4.59
CA LEU A 160 -21.05 5.17 4.96
C LEU A 160 -22.31 4.82 5.77
N THR A 161 -22.99 3.73 5.37
CA THR A 161 -24.22 3.23 6.01
C THR A 161 -23.95 2.86 7.46
N ASN A 162 -22.88 2.09 7.73
CA ASN A 162 -22.48 1.66 9.06
C ASN A 162 -22.00 2.82 9.93
N LYS A 163 -21.23 3.76 9.35
CA LYS A 163 -20.69 4.92 10.04
C LYS A 163 -21.77 5.95 10.39
N LYS A 164 -22.87 5.96 9.60
CA LYS A 164 -23.99 6.89 9.76
C LYS A 164 -23.53 8.38 9.72
N THR A 165 -22.51 8.69 8.88
CA THR A 165 -21.91 10.03 8.71
C THR A 165 -21.87 10.39 7.23
N THR A 166 -21.65 11.66 6.93
CA THR A 166 -21.58 12.19 5.55
C THR A 166 -20.30 11.75 4.85
N PHE A 167 -19.14 11.85 5.55
CA PHE A 167 -17.81 11.56 5.01
C PHE A 167 -17.27 10.20 5.52
N PHE A 168 -16.24 9.66 4.83
CA PHE A 168 -15.65 8.36 5.18
C PHE A 168 -14.93 8.29 6.55
N GLY A 169 -14.65 9.43 7.15
CA GLY A 169 -14.04 9.47 8.47
C GLY A 169 -14.81 10.26 9.51
N GLY A 170 -16.06 10.64 9.21
CA GLY A 170 -16.91 11.36 10.17
C GLY A 170 -17.75 12.50 9.64
N ASN A 171 -18.03 13.48 10.52
CA ASN A 171 -18.83 14.69 10.27
C ASN A 171 -18.14 15.64 9.31
N SER A 172 -16.80 15.70 9.38
CA SER A 172 -16.00 16.59 8.55
C SER A 172 -15.12 15.78 7.60
N ILE A 173 -14.67 16.45 6.54
CA ILE A 173 -13.77 15.94 5.50
C ILE A 173 -12.41 15.64 6.13
N SER A 174 -11.85 14.46 5.83
CA SER A 174 -10.55 14.09 6.35
C SER A 174 -9.72 13.48 5.24
N MET A 175 -8.54 13.00 5.61
CA MET A 175 -7.61 12.44 4.64
C MET A 175 -8.26 11.51 3.62
N ILE A 176 -8.94 10.47 4.12
CA ILE A 176 -9.54 9.43 3.29
C ILE A 176 -10.43 10.00 2.19
N ASP A 177 -11.19 11.06 2.50
CA ASP A 177 -12.06 11.64 1.47
C ASP A 177 -11.25 12.22 0.33
N TYR A 178 -10.16 12.94 0.64
CA TYR A 178 -9.26 13.50 -0.40
C TYR A 178 -8.57 12.41 -1.19
N LEU A 179 -8.27 11.27 -0.54
CA LEU A 179 -7.57 10.17 -1.22
C LEU A 179 -8.43 9.50 -2.31
N ILE A 180 -9.73 9.47 -2.13
CA ILE A 180 -10.58 8.76 -3.09
C ILE A 180 -11.31 9.68 -4.05
N TRP A 181 -11.47 10.94 -3.66
CA TRP A 181 -12.19 11.96 -4.44
C TRP A 181 -11.72 12.11 -5.92
N PRO A 182 -10.41 12.12 -6.30
CA PRO A 182 -10.07 12.34 -7.72
C PRO A 182 -10.64 11.36 -8.75
N TRP A 183 -11.12 10.19 -8.34
CA TRP A 183 -11.71 9.22 -9.25
C TRP A 183 -13.20 9.53 -9.39
N PHE A 184 -13.83 10.00 -8.30
CA PHE A 184 -15.26 10.38 -8.33
C PHE A 184 -15.46 11.69 -9.03
N GLU A 185 -14.40 12.53 -9.03
CA GLU A 185 -14.42 13.83 -9.67
C GLU A 185 -14.75 13.73 -11.19
N ARG A 186 -14.34 12.62 -11.81
CA ARG A 186 -14.45 12.40 -13.25
C ARG A 186 -15.60 11.53 -13.72
N LEU A 187 -16.45 11.07 -12.78
CA LEU A 187 -17.59 10.19 -13.07
C LEU A 187 -18.52 10.79 -14.12
N GLU A 188 -18.89 12.07 -13.95
CA GLU A 188 -19.76 12.78 -14.90
C GLU A 188 -19.04 12.87 -16.27
N ALA A 189 -17.73 13.25 -16.28
CA ALA A 189 -16.96 13.37 -17.53
C ALA A 189 -16.86 12.05 -18.29
N MET A 190 -16.82 10.91 -17.56
CA MET A 190 -16.72 9.54 -18.09
C MET A 190 -18.08 8.95 -18.48
N LYS A 191 -19.16 9.72 -18.27
CA LYS A 191 -20.56 9.37 -18.47
C LYS A 191 -20.96 8.19 -17.58
N LEU A 192 -20.48 8.19 -16.31
CA LEU A 192 -20.76 7.12 -15.35
C LEU A 192 -21.63 7.52 -14.17
N ASN A 193 -22.44 8.58 -14.33
CA ASN A 193 -23.37 9.05 -13.30
C ASN A 193 -24.34 7.96 -12.84
N GLU A 194 -24.77 7.04 -13.75
CA GLU A 194 -25.70 5.96 -13.40
C GLU A 194 -25.13 4.99 -12.35
N CYS A 195 -23.78 4.90 -12.22
CA CYS A 195 -23.12 3.96 -11.32
C CYS A 195 -23.31 4.28 -9.84
N VAL A 196 -23.79 5.49 -9.53
CA VAL A 196 -24.07 5.89 -8.13
C VAL A 196 -25.61 5.98 -7.88
N ASP A 197 -26.44 5.55 -8.83
CA ASP A 197 -27.87 5.70 -8.63
C ASP A 197 -28.46 4.65 -7.63
N HIS A 198 -27.64 3.64 -7.21
CA HIS A 198 -28.08 2.72 -6.16
C HIS A 198 -27.17 2.82 -4.89
N THR A 199 -26.45 3.94 -4.75
CA THR A 199 -25.55 4.22 -3.61
C THR A 199 -25.88 5.64 -3.17
N PRO A 200 -27.03 5.84 -2.49
CA PRO A 200 -27.45 7.23 -2.15
C PRO A 200 -26.49 7.98 -1.22
N LYS A 201 -25.87 7.29 -0.25
CA LYS A 201 -24.91 7.94 0.67
C LYS A 201 -23.67 8.40 -0.08
N LEU A 202 -23.21 7.61 -1.05
CA LEU A 202 -22.04 7.98 -1.84
C LEU A 202 -22.39 9.15 -2.78
N LYS A 203 -23.62 9.19 -3.28
CA LYS A 203 -24.06 10.31 -4.12
C LYS A 203 -24.14 11.61 -3.28
N LEU A 204 -24.61 11.53 -2.03
CA LEU A 204 -24.64 12.72 -1.13
C LEU A 204 -23.20 13.13 -0.80
N TRP A 205 -22.30 12.14 -0.63
CA TRP A 205 -20.89 12.42 -0.32
C TRP A 205 -20.25 13.20 -1.49
N MET A 206 -20.50 12.79 -2.74
CA MET A 206 -19.96 13.46 -3.95
C MET A 206 -20.39 14.92 -3.97
N ALA A 207 -21.68 15.20 -3.68
CA ALA A 207 -22.23 16.57 -3.64
C ALA A 207 -21.53 17.40 -2.57
N ALA A 208 -21.31 16.81 -1.39
CA ALA A 208 -20.66 17.47 -0.25
C ALA A 208 -19.18 17.74 -0.56
N MET A 209 -18.52 16.83 -1.30
CA MET A 209 -17.12 17.01 -1.69
C MET A 209 -16.99 18.15 -2.70
N LYS A 210 -17.94 18.27 -3.66
CA LYS A 210 -17.91 19.33 -4.67
C LYS A 210 -18.00 20.74 -4.06
N GLU A 211 -18.57 20.86 -2.85
CA GLU A 211 -18.74 22.11 -2.10
C GLU A 211 -17.54 22.47 -1.21
N ASP A 212 -16.59 21.54 -1.00
CA ASP A 212 -15.42 21.79 -0.16
C ASP A 212 -14.54 22.86 -0.82
N PRO A 213 -14.08 23.93 -0.13
CA PRO A 213 -13.27 24.96 -0.83
C PRO A 213 -11.99 24.43 -1.49
N THR A 214 -11.30 23.48 -0.84
CA THR A 214 -10.08 22.88 -1.42
C THR A 214 -10.46 22.09 -2.68
N VAL A 215 -11.45 21.19 -2.58
CA VAL A 215 -11.91 20.43 -3.73
C VAL A 215 -12.31 21.38 -4.87
N SER A 216 -13.20 22.34 -4.56
CA SER A 216 -13.74 23.31 -5.53
C SER A 216 -12.63 24.11 -6.23
N ALA A 217 -11.58 24.53 -5.49
CA ALA A 217 -10.47 25.31 -6.03
C ALA A 217 -9.66 24.56 -7.07
N LEU A 218 -9.69 23.22 -7.06
CA LEU A 218 -8.90 22.43 -8.00
C LEU A 218 -9.68 21.89 -9.20
N LEU A 219 -11.00 22.19 -9.27
CA LEU A 219 -11.80 21.69 -10.40
C LEU A 219 -11.36 22.33 -11.73
N THR A 220 -11.34 21.54 -12.80
CA THR A 220 -10.90 22.01 -14.12
C THR A 220 -11.94 21.64 -15.14
N SER A 221 -11.74 22.04 -16.42
CA SER A 221 -12.70 21.73 -17.49
C SER A 221 -12.86 20.22 -17.72
N GLU A 222 -14.11 19.74 -17.77
CA GLU A 222 -14.42 18.34 -18.09
C GLU A 222 -13.93 18.06 -19.52
N LYS A 223 -13.93 19.09 -20.38
CA LYS A 223 -13.53 18.92 -21.77
C LYS A 223 -12.02 18.92 -21.93
N ASP A 224 -11.28 19.66 -21.10
CA ASP A 224 -9.82 19.56 -21.12
C ASP A 224 -9.46 18.10 -20.73
N TRP A 225 -10.14 17.55 -19.71
CA TRP A 225 -9.91 16.19 -19.26
C TRP A 225 -10.22 15.11 -20.33
N GLN A 226 -11.39 15.17 -21.01
CA GLN A 226 -11.72 14.22 -22.11
C GLN A 226 -10.73 14.35 -23.27
N GLY A 227 -10.36 15.60 -23.60
CA GLY A 227 -9.40 15.92 -24.64
C GLY A 227 -8.06 15.30 -24.31
N PHE A 228 -7.57 15.54 -23.06
CA PHE A 228 -6.34 14.94 -22.54
C PHE A 228 -6.42 13.41 -22.68
N LEU A 229 -7.57 12.84 -22.26
CA LEU A 229 -7.76 11.41 -22.21
C LEU A 229 -7.61 10.74 -23.57
N GLU A 230 -8.21 11.34 -24.61
CA GLU A 230 -8.13 10.87 -25.99
C GLU A 230 -6.68 10.74 -26.43
N LEU A 231 -5.87 11.79 -26.22
CA LEU A 231 -4.47 11.86 -26.60
C LEU A 231 -3.60 10.92 -25.74
N TYR A 232 -3.92 10.78 -24.44
CA TYR A 232 -3.17 9.90 -23.54
C TYR A 232 -3.26 8.44 -24.04
N LEU A 233 -4.45 8.00 -24.45
CA LEU A 233 -4.66 6.64 -24.97
C LEU A 233 -3.92 6.39 -26.27
N GLN A 234 -3.66 7.47 -27.04
CA GLN A 234 -2.91 7.40 -28.29
C GLN A 234 -1.40 7.52 -28.01
N ASN A 235 -0.98 7.53 -26.70
CA ASN A 235 0.41 7.70 -26.28
C ASN A 235 1.03 8.99 -26.82
N SER A 236 0.22 10.06 -26.87
CA SER A 236 0.69 11.34 -27.40
C SER A 236 1.56 12.13 -26.44
N PRO A 237 2.68 12.69 -26.95
CA PRO A 237 3.50 13.58 -26.10
C PRO A 237 2.81 14.94 -25.86
N GLU A 238 1.67 15.22 -26.54
CA GLU A 238 0.91 16.46 -26.37
C GLU A 238 -0.23 16.32 -25.34
N ALA A 239 -0.52 15.08 -24.89
CA ALA A 239 -1.61 14.79 -23.95
C ALA A 239 -1.58 15.59 -22.65
N CYS A 240 -0.44 15.58 -21.95
CA CYS A 240 -0.30 16.21 -20.64
C CYS A 240 -0.44 17.74 -20.66
N ASP A 241 -0.24 18.39 -21.83
CA ASP A 241 -0.38 19.84 -21.99
C ASP A 241 -1.70 20.25 -22.67
N TYR A 242 -2.64 19.32 -22.93
CA TYR A 242 -3.94 19.65 -23.56
C TYR A 242 -4.68 20.77 -22.78
N GLY A 243 -5.04 21.82 -23.51
CA GLY A 243 -5.72 22.96 -22.94
C GLY A 243 -4.79 24.14 -22.73
N LEU A 244 -3.47 23.92 -22.84
CA LEU A 244 -2.44 24.97 -22.71
C LEU A 244 -1.84 25.42 -24.08
N SER B 1 11.64 -28.21 21.02
CA SER B 1 11.56 -26.77 20.80
C SER B 1 10.40 -26.18 21.56
N ASN B 2 10.45 -24.87 21.80
CA ASN B 2 9.41 -24.18 22.54
C ASN B 2 8.56 -23.27 21.64
N ALA B 3 7.23 -23.54 21.54
CA ALA B 3 6.31 -22.74 20.72
C ALA B 3 5.80 -21.45 21.41
N MET B 4 6.12 -20.27 20.85
CA MET B 4 5.69 -19.00 21.46
C MET B 4 4.96 -18.07 20.47
N SER B 5 4.54 -18.60 19.31
CA SER B 5 3.90 -17.77 18.29
C SER B 5 2.90 -18.55 17.42
N GLY B 6 2.08 -19.39 18.05
CA GLY B 6 1.04 -20.18 17.38
C GLY B 6 1.51 -21.38 16.60
N GLU B 7 2.75 -21.82 16.83
CA GLU B 7 3.33 -22.96 16.12
C GLU B 7 2.62 -24.29 16.39
N SER B 8 1.96 -24.42 17.54
CA SER B 8 1.27 -25.65 17.96
C SER B 8 -0.24 -25.65 17.69
N ALA B 9 -0.86 -24.51 17.37
CA ALA B 9 -2.32 -24.41 17.17
C ALA B 9 -2.83 -24.97 15.83
N ARG B 10 -3.62 -26.08 15.88
CA ARG B 10 -4.21 -26.64 14.66
C ARG B 10 -5.14 -25.59 14.08
N SER B 11 -5.14 -25.47 12.76
CA SER B 11 -5.95 -24.47 12.05
C SER B 11 -7.44 -24.76 12.14
N LEU B 12 -8.25 -23.68 12.07
CA LEU B 12 -9.70 -23.77 12.07
C LEU B 12 -10.18 -23.71 10.64
N GLY B 13 -10.95 -24.73 10.25
CA GLY B 13 -11.52 -24.88 8.92
C GLY B 13 -13.03 -24.88 8.94
N LYS B 14 -13.65 -25.20 7.80
CA LYS B 14 -15.11 -25.27 7.69
C LYS B 14 -15.62 -26.33 8.67
N GLY B 15 -16.52 -25.92 9.56
CA GLY B 15 -17.10 -26.79 10.56
C GLY B 15 -16.46 -26.70 11.92
N SER B 16 -15.19 -26.22 11.98
CA SER B 16 -14.45 -26.10 13.24
C SER B 16 -15.10 -25.10 14.16
N ALA B 17 -14.88 -25.31 15.45
CA ALA B 17 -15.38 -24.45 16.50
C ALA B 17 -14.63 -23.10 16.47
N PRO B 18 -15.33 -21.98 16.16
CA PRO B 18 -14.68 -20.67 16.18
C PRO B 18 -14.14 -20.32 17.58
N PRO B 19 -13.21 -19.34 17.74
CA PRO B 19 -12.66 -19.07 19.07
C PRO B 19 -13.62 -18.37 20.04
N GLY B 20 -13.26 -18.37 21.32
CA GLY B 20 -14.02 -17.69 22.36
C GLY B 20 -13.82 -16.18 22.30
N PRO B 21 -14.11 -15.44 23.40
CA PRO B 21 -13.89 -13.98 23.36
C PRO B 21 -12.41 -13.67 23.57
N VAL B 22 -11.99 -12.47 23.15
CA VAL B 22 -10.61 -12.06 23.34
C VAL B 22 -10.51 -11.55 24.80
N PRO B 23 -9.61 -12.12 25.65
CA PRO B 23 -9.47 -11.62 27.03
C PRO B 23 -9.05 -10.16 27.08
N GLU B 24 -9.50 -9.40 28.12
CA GLU B 24 -9.09 -8.01 28.32
C GLU B 24 -7.57 -8.01 28.58
N GLY B 25 -6.86 -7.07 27.98
CA GLY B 25 -5.42 -6.95 28.11
C GLY B 25 -4.61 -7.76 27.10
N SER B 26 -5.29 -8.56 26.26
CA SER B 26 -4.66 -9.38 25.21
C SER B 26 -5.22 -8.96 23.84
N ILE B 27 -4.57 -9.40 22.75
CA ILE B 27 -5.00 -9.12 21.38
C ILE B 27 -4.90 -10.43 20.64
N ARG B 28 -5.84 -10.70 19.74
CA ARG B 28 -5.81 -11.92 18.96
C ARG B 28 -5.31 -11.61 17.55
N ILE B 29 -4.51 -12.54 16.98
CA ILE B 29 -4.07 -12.52 15.59
C ILE B 29 -4.61 -13.78 14.92
N TYR B 30 -5.44 -13.60 13.88
CA TYR B 30 -5.88 -14.70 13.02
C TYR B 30 -4.73 -14.79 12.03
N SER B 31 -4.13 -15.97 11.95
CA SER B 31 -2.88 -16.20 11.22
C SER B 31 -2.90 -17.52 10.48
N MET B 32 -1.73 -17.94 9.99
CA MET B 32 -1.44 -19.22 9.35
C MET B 32 0.06 -19.36 9.49
N ARG B 33 0.48 -20.47 10.08
CA ARG B 33 1.86 -20.77 10.46
C ARG B 33 2.92 -20.49 9.37
N PHE B 34 2.58 -20.66 8.08
CA PHE B 34 3.54 -20.46 6.98
C PHE B 34 3.23 -19.30 6.09
N CYS B 35 2.30 -18.42 6.52
CA CYS B 35 1.97 -17.22 5.76
C CYS B 35 2.97 -16.11 6.06
N PRO B 36 3.76 -15.68 5.03
CA PRO B 36 4.75 -14.62 5.27
C PRO B 36 4.14 -13.27 5.62
N PHE B 37 2.95 -12.96 5.11
CA PHE B 37 2.29 -11.69 5.46
C PHE B 37 1.87 -11.66 6.93
N ALA B 38 1.26 -12.77 7.46
CA ALA B 38 0.84 -12.87 8.89
C ALA B 38 2.07 -12.93 9.80
N GLU B 39 3.15 -13.53 9.30
CA GLU B 39 4.43 -13.56 10.03
C GLU B 39 4.95 -12.14 10.34
N ARG B 40 4.75 -11.13 9.44
CA ARG B 40 5.18 -9.74 9.72
C ARG B 40 4.58 -9.33 11.07
N THR B 41 3.26 -9.56 11.21
CA THR B 41 2.48 -9.21 12.41
C THR B 41 2.97 -9.96 13.65
N ARG B 42 3.30 -11.25 13.52
CA ARG B 42 3.80 -12.08 14.63
C ARG B 42 5.14 -11.57 15.09
N LEU B 43 6.03 -11.16 14.16
CA LEU B 43 7.35 -10.59 14.47
C LEU B 43 7.20 -9.28 15.30
N VAL B 44 6.25 -8.43 14.91
CA VAL B 44 5.98 -7.14 15.61
C VAL B 44 5.45 -7.42 17.06
N LEU B 45 4.47 -8.34 17.19
CA LEU B 45 3.92 -8.73 18.49
C LEU B 45 4.99 -9.23 19.45
N LYS B 46 5.87 -10.13 18.97
CA LYS B 46 7.01 -10.69 19.75
C LYS B 46 8.06 -9.61 20.11
N ALA B 47 8.48 -8.79 19.13
CA ALA B 47 9.48 -7.73 19.32
C ALA B 47 9.05 -6.69 20.30
N LYS B 48 7.78 -6.30 20.27
CA LYS B 48 7.26 -5.34 21.24
C LYS B 48 6.83 -5.97 22.57
N GLY B 49 6.87 -7.30 22.69
CA GLY B 49 6.47 -8.02 23.91
C GLY B 49 5.02 -7.84 24.29
N ILE B 50 4.12 -7.94 23.29
CA ILE B 50 2.67 -7.73 23.45
C ILE B 50 2.03 -9.06 23.81
N ARG B 51 1.13 -9.10 24.83
CA ARG B 51 0.42 -10.36 25.15
C ARG B 51 -0.55 -10.63 24.01
N HIS B 52 -0.47 -11.82 23.40
CA HIS B 52 -1.35 -12.15 22.28
C HIS B 52 -1.65 -13.61 22.16
N GLU B 53 -2.75 -13.91 21.46
CA GLU B 53 -3.11 -15.29 21.18
C GLU B 53 -3.20 -15.45 19.67
N VAL B 54 -2.69 -16.57 19.14
CA VAL B 54 -2.69 -16.85 17.71
C VAL B 54 -3.75 -17.88 17.42
N ILE B 55 -4.62 -17.61 16.43
CA ILE B 55 -5.63 -18.55 15.96
C ILE B 55 -5.24 -18.75 14.52
N ASN B 56 -4.96 -19.99 14.12
CA ASN B 56 -4.59 -20.28 12.74
C ASN B 56 -5.84 -20.63 11.96
N ILE B 57 -5.91 -20.09 10.73
CA ILE B 57 -6.99 -20.29 9.77
C ILE B 57 -6.54 -21.24 8.67
N ASN B 58 -7.38 -22.25 8.34
CA ASN B 58 -7.09 -23.19 7.28
C ASN B 58 -7.47 -22.48 6.00
N LEU B 59 -6.49 -21.85 5.35
CA LEU B 59 -6.65 -21.08 4.12
C LEU B 59 -7.16 -21.87 2.94
N LYS B 60 -7.01 -23.20 2.97
CA LYS B 60 -7.52 -24.07 1.91
C LYS B 60 -8.83 -24.80 2.31
N ASN B 61 -9.49 -24.33 3.39
CA ASN B 61 -10.77 -24.82 3.93
C ASN B 61 -11.34 -23.74 4.85
N LYS B 62 -11.38 -22.52 4.34
CA LYS B 62 -11.77 -21.32 5.07
C LYS B 62 -13.17 -21.33 5.65
N PRO B 63 -13.31 -21.14 6.97
CA PRO B 63 -14.67 -21.03 7.53
C PRO B 63 -15.33 -19.76 7.01
N GLU B 64 -16.63 -19.81 6.70
CA GLU B 64 -17.33 -18.62 6.19
C GLU B 64 -17.37 -17.49 7.22
N TRP B 65 -17.36 -17.82 8.55
CA TRP B 65 -17.37 -16.78 9.60
C TRP B 65 -16.13 -15.86 9.52
N PHE B 66 -15.01 -16.37 8.99
CA PHE B 66 -13.77 -15.61 8.84
C PHE B 66 -13.94 -14.40 7.94
N PHE B 67 -14.87 -14.46 6.98
CA PHE B 67 -15.17 -13.31 6.10
C PHE B 67 -15.83 -12.16 6.88
N LYS B 68 -16.33 -12.44 8.08
CA LYS B 68 -16.90 -11.39 8.96
C LYS B 68 -15.77 -10.74 9.79
N LYS B 69 -14.57 -11.35 9.83
CA LYS B 69 -13.41 -10.77 10.53
C LYS B 69 -12.68 -9.84 9.53
N ASN B 70 -12.64 -10.28 8.26
CA ASN B 70 -12.00 -9.56 7.17
C ASN B 70 -12.79 -9.87 5.88
N PRO B 71 -13.42 -8.87 5.24
CA PRO B 71 -14.21 -9.16 4.01
C PRO B 71 -13.36 -9.68 2.86
N PHE B 72 -12.05 -9.48 2.95
CA PHE B 72 -11.11 -9.98 1.93
C PHE B 72 -10.81 -11.45 2.17
N GLY B 73 -11.07 -11.92 3.39
CA GLY B 73 -10.86 -13.31 3.80
C GLY B 73 -9.40 -13.70 3.92
N LEU B 74 -8.53 -12.72 4.20
CA LEU B 74 -7.10 -12.98 4.32
C LEU B 74 -6.56 -12.81 5.70
N VAL B 75 -5.47 -13.51 6.02
CA VAL B 75 -4.73 -13.30 7.27
C VAL B 75 -3.56 -12.39 6.91
N PRO B 76 -3.03 -11.59 7.85
CA PRO B 76 -3.40 -11.47 9.28
C PRO B 76 -4.60 -10.61 9.51
N VAL B 77 -5.23 -10.81 10.68
CA VAL B 77 -6.35 -10.02 11.17
C VAL B 77 -6.10 -9.90 12.66
N LEU B 78 -6.22 -8.70 13.20
CA LEU B 78 -6.10 -8.44 14.63
C LEU B 78 -7.49 -8.21 15.17
N GLU B 79 -7.78 -8.67 16.39
CA GLU B 79 -9.05 -8.48 17.06
C GLU B 79 -8.78 -8.27 18.55
N ASN B 80 -9.31 -7.17 19.09
CA ASN B 80 -9.08 -6.89 20.50
C ASN B 80 -10.35 -7.21 21.31
N SER B 81 -10.28 -7.07 22.66
CA SER B 81 -11.38 -7.33 23.59
C SER B 81 -12.60 -6.43 23.39
N GLN B 82 -12.41 -5.23 22.79
CA GLN B 82 -13.45 -4.25 22.41
C GLN B 82 -14.21 -4.67 21.12
N GLY B 83 -13.66 -5.64 20.37
CA GLY B 83 -14.24 -6.11 19.12
C GLY B 83 -13.75 -5.39 17.88
N GLN B 84 -12.72 -4.53 18.00
CA GLN B 84 -12.19 -3.81 16.82
C GLN B 84 -11.42 -4.81 15.94
N LEU B 85 -11.55 -4.69 14.61
CA LEU B 85 -10.88 -5.59 13.68
C LEU B 85 -9.92 -4.81 12.77
N ILE B 86 -8.64 -5.26 12.64
CA ILE B 86 -7.62 -4.57 11.81
C ILE B 86 -7.03 -5.58 10.84
N TYR B 87 -7.09 -5.29 9.53
CA TYR B 87 -6.54 -6.23 8.57
C TYR B 87 -5.60 -5.48 7.59
N GLU B 88 -4.86 -6.22 6.73
CA GLU B 88 -3.79 -5.74 5.81
C GLU B 88 -2.55 -5.80 6.69
N SER B 89 -1.58 -6.65 6.34
CA SER B 89 -0.37 -6.86 7.16
C SER B 89 0.37 -5.59 7.55
N ALA B 90 0.61 -4.66 6.60
CA ALA B 90 1.33 -3.39 6.90
C ALA B 90 0.50 -2.51 7.86
N ILE B 91 -0.84 -2.50 7.71
CA ILE B 91 -1.74 -1.75 8.59
C ILE B 91 -1.70 -2.37 10.00
N THR B 92 -1.70 -3.71 10.11
CA THR B 92 -1.66 -4.40 11.42
C THR B 92 -0.36 -4.10 12.17
N CYS B 93 0.76 -3.98 11.43
CA CYS B 93 2.06 -3.69 12.04
C CYS B 93 2.19 -2.26 12.56
N GLU B 94 1.73 -1.29 11.78
CA GLU B 94 1.80 0.12 12.16
C GLU B 94 0.89 0.36 13.33
N TYR B 95 -0.30 -0.25 13.31
CA TYR B 95 -1.27 -0.13 14.42
C TYR B 95 -0.65 -0.58 15.77
N LEU B 96 0.03 -1.73 15.78
CA LEU B 96 0.65 -2.27 16.99
C LEU B 96 1.79 -1.38 17.46
N ASP B 97 2.54 -0.81 16.52
CA ASP B 97 3.66 0.04 16.89
C ASP B 97 3.17 1.33 17.56
N GLU B 98 2.05 1.87 17.08
CA GLU B 98 1.46 3.09 17.63
C GLU B 98 0.66 2.83 18.93
N ALA B 99 -0.13 1.76 18.99
CA ALA B 99 -1.03 1.49 20.13
C ALA B 99 -0.37 0.92 21.39
N TYR B 100 0.79 0.27 21.30
CA TYR B 100 1.39 -0.39 22.46
C TYR B 100 2.72 0.18 22.87
N PRO B 101 3.08 0.06 24.17
CA PRO B 101 4.43 0.50 24.60
C PRO B 101 5.47 -0.56 24.20
N GLY B 102 6.67 -0.43 24.72
CA GLY B 102 7.76 -1.35 24.43
C GLY B 102 8.69 -0.76 23.40
N LYS B 103 9.50 -1.60 22.74
CA LYS B 103 10.46 -1.13 21.73
C LYS B 103 9.74 -0.45 20.55
N LYS B 104 10.18 0.79 20.20
CA LYS B 104 9.60 1.54 19.09
C LYS B 104 10.23 1.00 17.79
N LEU B 105 9.39 0.50 16.85
CA LEU B 105 9.85 -0.10 15.60
C LEU B 105 9.89 0.87 14.41
N LEU B 106 9.01 1.88 14.38
CA LEU B 106 8.99 2.88 13.32
C LEU B 106 9.66 4.16 13.83
N PRO B 107 10.40 4.88 12.96
CA PRO B 107 11.07 6.11 13.42
C PRO B 107 10.08 7.23 13.72
N ASP B 108 10.45 8.14 14.62
CA ASP B 108 9.62 9.30 14.98
C ASP B 108 9.61 10.34 13.86
N ASP B 109 10.74 10.50 13.15
CA ASP B 109 10.86 11.50 12.08
C ASP B 109 9.93 11.25 10.85
N PRO B 110 9.10 12.23 10.44
CA PRO B 110 8.20 12.00 9.29
C PRO B 110 8.89 11.53 7.99
N TYR B 111 10.07 12.08 7.63
CA TYR B 111 10.80 11.65 6.43
C TYR B 111 11.36 10.23 6.59
N GLU B 112 11.94 9.93 7.76
CA GLU B 112 12.51 8.60 8.05
C GLU B 112 11.44 7.52 8.03
N LYS B 113 10.23 7.88 8.48
CA LYS B 113 9.07 7.00 8.50
C LYS B 113 8.59 6.77 7.06
N ALA B 114 8.60 7.85 6.24
CA ALA B 114 8.25 7.78 4.81
C ALA B 114 9.25 6.89 4.06
N CYS B 115 10.54 6.96 4.44
CA CYS B 115 11.57 6.12 3.80
C CYS B 115 11.30 4.65 3.99
N GLN B 116 10.84 4.23 5.17
CA GLN B 116 10.51 2.83 5.47
C GLN B 116 9.41 2.33 4.55
N LYS B 117 8.40 3.17 4.32
CA LYS B 117 7.28 2.84 3.46
C LYS B 117 7.68 2.84 2.00
N MET B 118 8.60 3.74 1.55
CA MET B 118 9.07 3.69 0.16
C MET B 118 9.92 2.42 -0.08
N ILE B 119 10.69 1.96 0.95
CA ILE B 119 11.53 0.75 0.80
C ILE B 119 10.61 -0.49 0.68
N LEU B 120 9.50 -0.49 1.43
CA LEU B 120 8.51 -1.57 1.36
C LEU B 120 7.97 -1.64 -0.08
N GLU B 121 7.77 -0.47 -0.73
CA GLU B 121 7.30 -0.44 -2.13
C GLU B 121 8.34 -0.93 -3.06
N LEU B 122 9.63 -0.62 -2.78
CA LEU B 122 10.70 -1.16 -3.64
C LEU B 122 10.79 -2.69 -3.53
N PHE B 123 10.36 -3.26 -2.40
CA PHE B 123 10.35 -4.72 -2.16
C PHE B 123 9.10 -5.40 -2.76
N SER B 124 8.02 -4.63 -3.00
CA SER B 124 6.66 -5.09 -3.36
C SER B 124 6.58 -6.08 -4.52
N LYS B 125 7.59 -6.18 -5.39
CA LYS B 125 7.52 -7.17 -6.47
C LYS B 125 8.01 -8.55 -6.03
N VAL B 126 8.82 -8.65 -4.97
CA VAL B 126 9.39 -9.90 -4.49
C VAL B 126 8.27 -10.98 -4.17
N PRO B 127 7.17 -10.70 -3.42
CA PRO B 127 6.19 -11.78 -3.15
C PRO B 127 5.61 -12.43 -4.42
N SER B 128 5.27 -11.61 -5.45
CA SER B 128 4.74 -12.13 -6.73
C SER B 128 5.78 -12.97 -7.50
N LEU B 129 7.07 -12.59 -7.47
CA LEU B 129 8.16 -13.37 -8.08
C LEU B 129 8.30 -14.73 -7.37
N VAL B 130 8.19 -14.72 -6.03
CA VAL B 130 8.24 -15.94 -5.22
C VAL B 130 7.07 -16.87 -5.62
N GLY B 131 5.88 -16.29 -5.81
CA GLY B 131 4.68 -17.01 -6.25
C GLY B 131 4.92 -17.73 -7.58
N SER B 132 5.40 -16.97 -8.59
CA SER B 132 5.72 -17.48 -9.93
C SER B 132 6.81 -18.54 -9.87
N PHE B 133 7.90 -18.30 -9.08
CA PHE B 133 9.02 -19.22 -8.93
C PHE B 133 8.61 -20.61 -8.41
N ILE B 134 7.78 -20.65 -7.36
CA ILE B 134 7.29 -21.88 -6.74
C ILE B 134 6.36 -22.66 -7.72
N ARG B 135 5.74 -21.94 -8.68
CA ARG B 135 4.86 -22.54 -9.68
C ARG B 135 5.58 -22.90 -10.99
N SER B 136 6.86 -22.50 -11.15
CA SER B 136 7.63 -22.74 -12.38
C SER B 136 7.84 -24.23 -12.68
N GLN B 137 7.63 -24.62 -13.95
CA GLN B 137 7.77 -26.00 -14.42
C GLN B 137 8.65 -26.15 -15.69
N ASN B 138 9.42 -25.10 -16.03
CA ASN B 138 10.31 -25.09 -17.20
C ASN B 138 11.67 -24.48 -16.85
N LYS B 139 12.76 -25.14 -17.30
CA LYS B 139 14.16 -24.72 -17.04
C LYS B 139 14.42 -23.28 -17.49
N GLU B 140 13.87 -22.88 -18.65
CA GLU B 140 13.98 -21.54 -19.21
C GLU B 140 13.29 -20.52 -18.29
N ASP B 141 12.06 -20.83 -17.84
CA ASP B 141 11.25 -20.01 -16.94
C ASP B 141 11.86 -19.92 -15.54
N TYR B 142 12.53 -20.99 -15.09
CA TYR B 142 13.21 -21.11 -13.79
C TYR B 142 14.40 -20.14 -13.78
N ALA B 143 15.30 -20.27 -14.78
CA ALA B 143 16.49 -19.41 -14.97
C ALA B 143 16.09 -17.93 -15.14
N GLY B 144 15.05 -17.67 -15.94
CA GLY B 144 14.56 -16.32 -16.19
C GLY B 144 14.08 -15.59 -14.96
N LEU B 145 13.36 -16.31 -14.07
CA LEU B 145 12.84 -15.74 -12.82
C LEU B 145 13.95 -15.38 -11.84
N LYS B 146 15.04 -16.18 -11.83
CA LYS B 146 16.24 -15.96 -11.02
C LYS B 146 16.93 -14.66 -11.43
N GLU B 147 16.93 -14.33 -12.75
CA GLU B 147 17.52 -13.06 -13.21
C GLU B 147 16.68 -11.89 -12.69
N GLU B 148 15.33 -12.06 -12.58
CA GLU B 148 14.44 -11.02 -12.07
C GLU B 148 14.67 -10.79 -10.58
N PHE B 149 14.89 -11.90 -9.83
CA PHE B 149 15.23 -11.85 -8.40
C PHE B 149 16.50 -11.03 -8.22
N ARG B 150 17.54 -11.33 -9.03
CA ARG B 150 18.82 -10.60 -9.01
C ARG B 150 18.63 -9.09 -9.19
N LYS B 151 17.74 -8.69 -10.13
CA LYS B 151 17.39 -7.29 -10.41
C LYS B 151 16.64 -6.65 -9.25
N GLU B 152 15.69 -7.37 -8.65
CA GLU B 152 14.97 -6.81 -7.48
C GLU B 152 15.88 -6.70 -6.26
N PHE B 153 16.79 -7.63 -6.10
CA PHE B 153 17.71 -7.65 -4.95
C PHE B 153 18.73 -6.51 -5.07
N THR B 154 19.13 -6.20 -6.33
CA THR B 154 20.01 -5.07 -6.65
C THR B 154 19.35 -3.75 -6.21
N LYS B 155 18.01 -3.58 -6.41
CA LYS B 155 17.33 -2.35 -5.94
C LYS B 155 17.48 -2.24 -4.41
N LEU B 156 17.34 -3.37 -3.66
CA LEU B 156 17.50 -3.39 -2.20
C LEU B 156 18.96 -3.16 -1.78
N GLU B 157 19.91 -3.70 -2.55
CA GLU B 157 21.35 -3.51 -2.27
C GLU B 157 21.74 -2.03 -2.40
N GLU B 158 21.15 -1.33 -3.37
CA GLU B 158 21.37 0.10 -3.64
C GLU B 158 20.92 0.95 -2.44
N VAL B 159 19.80 0.62 -1.80
CA VAL B 159 19.31 1.31 -0.59
C VAL B 159 20.36 1.17 0.53
N LEU B 160 20.81 -0.09 0.79
CA LEU B 160 21.81 -0.36 1.83
C LEU B 160 23.11 0.37 1.55
N THR B 161 23.50 0.45 0.27
CA THR B 161 24.72 1.15 -0.19
C THR B 161 24.61 2.64 0.09
N ASN B 162 23.52 3.28 -0.39
CA ASN B 162 23.29 4.72 -0.21
C ASN B 162 23.23 5.16 1.25
N LYS B 163 22.66 4.30 2.11
CA LYS B 163 22.47 4.60 3.53
C LYS B 163 23.68 4.35 4.37
N LYS B 164 24.56 3.42 3.94
CA LYS B 164 25.77 3.02 4.65
C LYS B 164 25.42 2.39 6.01
N THR B 165 24.26 1.68 6.08
CA THR B 165 23.79 1.04 7.30
C THR B 165 23.69 -0.48 7.14
N THR B 166 23.70 -1.23 8.26
CA THR B 166 23.55 -2.69 8.29
C THR B 166 22.09 -3.07 7.93
N PHE B 167 21.10 -2.32 8.45
CA PHE B 167 19.68 -2.62 8.24
C PHE B 167 19.02 -1.56 7.37
N PHE B 168 17.77 -1.80 6.91
CA PHE B 168 17.10 -0.86 6.02
C PHE B 168 16.62 0.45 6.67
N GLY B 169 16.60 0.54 8.00
CA GLY B 169 16.20 1.77 8.69
C GLY B 169 17.25 2.29 9.67
N GLY B 170 18.50 1.88 9.48
CA GLY B 170 19.61 2.31 10.33
C GLY B 170 20.56 1.21 10.74
N ASN B 171 21.38 1.47 11.77
CA ASN B 171 22.37 0.52 12.27
C ASN B 171 21.79 -0.47 13.29
N SER B 172 20.47 -0.36 13.57
CA SER B 172 19.71 -1.26 14.44
C SER B 172 18.41 -1.72 13.74
N ILE B 173 17.90 -2.89 14.11
CA ILE B 173 16.70 -3.50 13.54
C ILE B 173 15.44 -2.63 13.75
N SER B 174 14.57 -2.50 12.73
CA SER B 174 13.35 -1.68 12.86
C SER B 174 12.23 -2.29 12.03
N MET B 175 11.06 -1.61 11.98
CA MET B 175 9.89 -2.16 11.30
C MET B 175 10.17 -2.74 9.91
N ILE B 176 10.79 -1.95 9.03
CA ILE B 176 11.05 -2.34 7.64
C ILE B 176 11.75 -3.73 7.52
N ASP B 177 12.72 -4.04 8.41
CA ASP B 177 13.47 -5.31 8.32
C ASP B 177 12.52 -6.48 8.57
N TYR B 178 11.64 -6.35 9.58
CA TYR B 178 10.61 -7.35 9.90
C TYR B 178 9.57 -7.51 8.79
N LEU B 179 9.25 -6.42 8.06
CA LEU B 179 8.24 -6.49 6.98
C LEU B 179 8.73 -7.30 5.77
N ILE B 180 10.04 -7.28 5.52
CA ILE B 180 10.55 -7.95 4.32
C ILE B 180 11.23 -9.28 4.65
N TRP B 181 11.67 -9.48 5.90
CA TRP B 181 12.34 -10.72 6.38
C TRP B 181 11.59 -12.06 6.02
N PRO B 182 10.24 -12.18 6.12
CA PRO B 182 9.62 -13.48 5.85
C PRO B 182 9.89 -14.08 4.47
N TRP B 183 10.22 -13.26 3.46
CA TRP B 183 10.49 -13.81 2.15
C TRP B 183 11.93 -14.28 2.04
N PHE B 184 12.87 -13.49 2.56
CA PHE B 184 14.30 -13.83 2.54
C PHE B 184 14.59 -15.02 3.43
N GLU B 185 13.80 -15.18 4.50
CA GLU B 185 13.91 -16.29 5.45
C GLU B 185 13.85 -17.66 4.77
N ARG B 186 13.08 -17.73 3.67
CA ARG B 186 12.80 -18.93 2.87
C ARG B 186 13.63 -19.12 1.60
N LEU B 187 14.56 -18.19 1.26
CA LEU B 187 15.35 -18.32 0.04
C LEU B 187 16.17 -19.61 0.01
N GLU B 188 16.77 -19.99 1.16
CA GLU B 188 17.55 -21.23 1.24
C GLU B 188 16.66 -22.45 0.95
N ALA B 189 15.45 -22.49 1.54
CA ALA B 189 14.48 -23.57 1.35
C ALA B 189 14.04 -23.70 -0.13
N MET B 190 14.00 -22.58 -0.86
CA MET B 190 13.60 -22.52 -2.28
C MET B 190 14.78 -22.71 -3.22
N LYS B 191 16.00 -22.92 -2.65
CA LYS B 191 17.29 -23.11 -3.34
C LYS B 191 17.69 -21.83 -4.13
N LEU B 192 17.39 -20.65 -3.55
CA LEU B 192 17.65 -19.34 -4.13
C LEU B 192 18.72 -18.53 -3.39
N ASN B 193 19.40 -19.13 -2.40
CA ASN B 193 20.45 -18.49 -1.60
C ASN B 193 21.51 -17.82 -2.47
N GLU B 194 21.89 -18.47 -3.59
CA GLU B 194 22.86 -17.97 -4.55
C GLU B 194 22.41 -16.68 -5.28
N CYS B 195 21.10 -16.36 -5.24
CA CYS B 195 20.59 -15.13 -5.86
C CYS B 195 20.97 -13.87 -5.08
N VAL B 196 21.48 -14.02 -3.86
CA VAL B 196 21.88 -12.89 -3.01
C VAL B 196 23.42 -12.70 -3.04
N ASP B 197 24.14 -13.64 -3.66
CA ASP B 197 25.60 -13.59 -3.76
C ASP B 197 26.14 -12.38 -4.49
N HIS B 198 25.35 -11.72 -5.34
CA HIS B 198 25.80 -10.55 -6.08
C HIS B 198 25.44 -9.25 -5.33
N THR B 199 24.77 -9.38 -4.16
CA THR B 199 24.34 -8.25 -3.33
C THR B 199 24.94 -8.48 -1.93
N PRO B 200 26.24 -8.14 -1.76
CA PRO B 200 26.93 -8.41 -0.49
C PRO B 200 26.28 -7.87 0.78
N LYS B 201 25.91 -6.59 0.81
CA LYS B 201 25.27 -5.98 2.00
C LYS B 201 23.93 -6.69 2.33
N LEU B 202 23.18 -7.08 1.29
CA LEU B 202 21.91 -7.81 1.43
C LEU B 202 22.15 -9.20 2.06
N LYS B 203 23.21 -9.90 1.59
CA LYS B 203 23.58 -11.19 2.18
C LYS B 203 23.98 -11.02 3.67
N LEU B 204 24.75 -9.95 4.01
CA LEU B 204 25.14 -9.68 5.43
C LEU B 204 23.91 -9.30 6.29
N TRP B 205 22.96 -8.56 5.70
CA TRP B 205 21.72 -8.20 6.42
C TRP B 205 20.95 -9.49 6.77
N MET B 206 20.90 -10.46 5.82
CA MET B 206 20.24 -11.75 6.06
C MET B 206 20.87 -12.48 7.23
N ALA B 207 22.22 -12.46 7.34
CA ALA B 207 22.93 -13.11 8.44
C ALA B 207 22.58 -12.44 9.75
N ALA B 208 22.62 -11.10 9.77
CA ALA B 208 22.32 -10.28 10.93
C ALA B 208 20.89 -10.50 11.42
N MET B 209 19.92 -10.63 10.48
CA MET B 209 18.52 -10.87 10.81
C MET B 209 18.39 -12.22 11.47
N LYS B 210 19.13 -13.25 10.96
CA LYS B 210 19.04 -14.61 11.51
C LYS B 210 19.41 -14.67 13.01
N GLU B 211 20.28 -13.76 13.48
CA GLU B 211 20.78 -13.63 14.87
C GLU B 211 19.88 -12.75 15.78
N ASP B 212 18.90 -12.02 15.21
CA ASP B 212 17.98 -11.23 16.05
C ASP B 212 17.17 -12.15 16.96
N PRO B 213 17.05 -11.88 18.29
CA PRO B 213 16.27 -12.78 19.17
C PRO B 213 14.81 -12.98 18.73
N THR B 214 14.15 -11.91 18.25
CA THR B 214 12.76 -12.01 17.78
C THR B 214 12.68 -12.96 16.58
N VAL B 215 13.54 -12.74 15.57
CA VAL B 215 13.62 -13.60 14.37
C VAL B 215 13.91 -15.04 14.77
N SER B 216 14.94 -15.25 15.63
CA SER B 216 15.31 -16.59 16.12
C SER B 216 14.16 -17.31 16.84
N ALA B 217 13.39 -16.61 17.68
CA ALA B 217 12.29 -17.25 18.42
C ALA B 217 11.18 -17.82 17.52
N LEU B 218 11.06 -17.29 16.30
CA LEU B 218 10.02 -17.67 15.33
C LEU B 218 10.53 -18.65 14.30
N LEU B 219 11.72 -19.20 14.54
CA LEU B 219 12.37 -20.16 13.64
C LEU B 219 11.54 -21.40 13.46
N THR B 220 11.39 -21.87 12.21
CA THR B 220 10.64 -23.10 11.88
C THR B 220 11.50 -24.02 11.03
N SER B 221 11.07 -25.28 10.87
CA SER B 221 11.80 -26.27 10.07
C SER B 221 11.69 -25.95 8.58
N GLU B 222 12.82 -25.99 7.86
CA GLU B 222 12.87 -25.76 6.41
C GLU B 222 12.01 -26.81 5.68
N LYS B 223 12.01 -28.07 6.20
CA LYS B 223 11.28 -29.23 5.68
C LYS B 223 9.79 -29.13 5.94
N ASP B 224 9.40 -28.50 7.07
CA ASP B 224 7.97 -28.29 7.33
C ASP B 224 7.47 -27.31 6.27
N TRP B 225 8.23 -26.24 6.02
CA TRP B 225 7.92 -25.23 5.00
C TRP B 225 7.78 -25.85 3.62
N GLN B 226 8.76 -26.67 3.20
CA GLN B 226 8.75 -27.35 1.90
C GLN B 226 7.57 -28.30 1.76
N GLY B 227 7.25 -29.04 2.82
CA GLY B 227 6.15 -30.00 2.82
C GLY B 227 4.82 -29.28 2.74
N PHE B 228 4.71 -28.17 3.51
CA PHE B 228 3.51 -27.32 3.47
C PHE B 228 3.32 -26.81 2.04
N LEU B 229 4.40 -26.32 1.42
CA LEU B 229 4.36 -25.70 0.09
C LEU B 229 3.83 -26.66 -1.00
N GLU B 230 4.29 -27.94 -1.02
CA GLU B 230 3.81 -28.95 -1.96
C GLU B 230 2.32 -29.11 -1.80
N LEU B 231 1.87 -29.28 -0.55
CA LEU B 231 0.44 -29.45 -0.30
C LEU B 231 -0.39 -28.21 -0.61
N TYR B 232 0.16 -27.00 -0.35
CA TYR B 232 -0.55 -25.72 -0.63
C TYR B 232 -0.78 -25.56 -2.11
N LEU B 233 0.25 -25.90 -2.91
CA LEU B 233 0.17 -25.83 -4.37
C LEU B 233 -0.88 -26.81 -4.90
N GLN B 234 -1.17 -27.89 -4.14
CA GLN B 234 -2.19 -28.88 -4.53
C GLN B 234 -3.56 -28.50 -3.96
N ASN B 235 -3.67 -27.29 -3.35
CA ASN B 235 -4.87 -26.75 -2.71
C ASN B 235 -5.43 -27.72 -1.65
N SER B 236 -4.52 -28.44 -0.96
CA SER B 236 -4.93 -29.45 -0.01
C SER B 236 -5.44 -28.86 1.29
N PRO B 237 -6.56 -29.41 1.85
CA PRO B 237 -7.04 -28.92 3.17
C PRO B 237 -6.10 -29.34 4.31
N GLU B 238 -5.07 -30.16 4.00
CA GLU B 238 -4.11 -30.60 5.02
C GLU B 238 -2.82 -29.77 5.05
N ALA B 239 -2.63 -28.88 4.05
CA ALA B 239 -1.46 -28.01 3.92
C ALA B 239 -1.10 -27.20 5.15
N CYS B 240 -2.05 -26.37 5.65
CA CYS B 240 -1.78 -25.43 6.75
C CYS B 240 -1.35 -26.10 8.08
N ASP B 241 -1.71 -27.37 8.26
CA ASP B 241 -1.37 -28.10 9.50
C ASP B 241 -0.17 -29.02 9.35
N TYR B 242 0.56 -28.93 8.22
CA TYR B 242 1.74 -29.79 8.00
C TYR B 242 2.75 -29.68 9.13
N GLY B 243 3.19 -30.82 9.63
CA GLY B 243 4.14 -30.88 10.74
C GLY B 243 3.48 -31.08 12.09
N LEU B 244 2.15 -30.90 12.15
CA LEU B 244 1.38 -31.07 13.39
C LEU B 244 0.75 -32.47 13.52
#